data_1KO1
#
_entry.id   1KO1
#
_cell.length_a   74.556
_cell.length_b   79.167
_cell.length_c   70.091
_cell.angle_alpha   90.00
_cell.angle_beta   105.20
_cell.angle_gamma   90.00
#
_symmetry.space_group_name_H-M   'C 1 2 1'
#
loop_
_entity.id
_entity.type
_entity.pdbx_description
1 polymer 'Gluconate kinase'
2 non-polymer 'CHLORIDE ION'
3 water water
#
_entity_poly.entity_id   1
_entity_poly.type   'polypeptide(L)'
_entity_poly.pdbx_seq_one_letter_code
;MSTTNHDHHIYVLMGVSGSGKSAVASEVAHQLHAAFLDGDFLHPRRNIEKMASGEPLNDDDRKPWLQALNDAAFAMQRTN
KVSLIVCSALKKHYRDLLREGNPNLSFIYLKGDFDVIESRLKARKGHFFKTQMLVTQFETLQEPGADETDVLVVDIDQPL
EGVVASTIEVIKKGK
;
_entity_poly.pdbx_strand_id   A,B
#
loop_
_chem_comp.id
_chem_comp.type
_chem_comp.name
_chem_comp.formula
CL non-polymer 'CHLORIDE ION' 'Cl -1'
#
# COMPACT_ATOMS: atom_id res chain seq x y z
N THR A 3 1.73 6.43 -19.16
CA THR A 3 0.71 7.52 -19.35
C THR A 3 -0.46 7.40 -18.38
N THR A 4 -1.22 8.47 -18.26
CA THR A 4 -2.39 8.47 -17.43
C THR A 4 -3.44 7.67 -18.18
N ASN A 5 -4.17 6.79 -17.52
CA ASN A 5 -5.28 6.12 -18.19
C ASN A 5 -6.64 6.61 -17.70
N HIS A 6 -7.24 7.61 -18.36
CA HIS A 6 -8.50 8.21 -17.91
C HIS A 6 -9.66 7.24 -17.74
N ASP A 7 -9.45 6.01 -18.16
CA ASP A 7 -10.41 4.93 -17.94
C ASP A 7 -10.25 4.41 -16.51
N HIS A 8 -9.07 4.64 -15.93
CA HIS A 8 -8.75 4.16 -14.59
C HIS A 8 -8.95 5.34 -13.61
N HIS A 9 -9.15 5.05 -12.33
CA HIS A 9 -9.37 6.10 -11.35
C HIS A 9 -8.73 5.87 -9.98
N ILE A 10 -8.33 6.96 -9.33
CA ILE A 10 -7.75 6.91 -7.99
C ILE A 10 -8.66 7.69 -7.06
N TYR A 11 -9.06 7.07 -5.96
CA TYR A 11 -9.83 7.78 -4.97
C TYR A 11 -8.98 7.96 -3.71
N VAL A 12 -8.76 9.20 -3.32
CA VAL A 12 -8.05 9.49 -2.09
C VAL A 12 -9.10 9.66 -0.97
N LEU A 13 -9.14 8.71 -0.05
CA LEU A 13 -10.04 8.79 1.09
C LEU A 13 -9.37 9.75 2.05
N MET A 14 -9.99 10.92 2.28
CA MET A 14 -9.41 11.96 3.13
C MET A 14 -10.32 12.25 4.35
N GLY A 15 -9.84 13.09 5.25
CA GLY A 15 -10.57 13.39 6.47
C GLY A 15 -9.64 13.33 7.67
N VAL A 16 -10.08 13.89 8.79
CA VAL A 16 -9.19 13.89 9.95
C VAL A 16 -8.96 12.49 10.52
N SER A 17 -7.91 12.37 11.32
CA SER A 17 -7.62 11.12 11.99
C SER A 17 -8.81 10.75 12.85
N GLY A 18 -9.27 9.51 12.76
CA GLY A 18 -10.43 9.10 13.51
C GLY A 18 -11.68 9.05 12.68
N SER A 19 -11.56 9.41 11.40
CA SER A 19 -12.72 9.33 10.53
C SER A 19 -12.84 7.94 9.90
N GLY A 20 -11.95 7.04 10.30
CA GLY A 20 -11.98 5.65 9.86
C GLY A 20 -11.47 5.42 8.43
N LYS A 21 -10.51 6.22 8.02
CA LYS A 21 -10.02 6.17 6.64
C LYS A 21 -9.50 4.79 6.24
N SER A 22 -8.63 4.24 7.05
CA SER A 22 -8.01 2.98 6.73
C SER A 22 -9.00 1.84 6.73
N ALA A 23 -9.88 1.82 7.72
CA ALA A 23 -10.80 0.70 7.86
C ALA A 23 -11.75 0.68 6.71
N VAL A 24 -12.18 1.85 6.27
CA VAL A 24 -13.07 1.93 5.11
C VAL A 24 -12.37 1.56 3.81
N ALA A 25 -11.20 2.16 3.56
CA ALA A 25 -10.41 1.89 2.37
C ALA A 25 -10.11 0.40 2.19
N SER A 26 -9.62 -0.24 3.27
CA SER A 26 -9.32 -1.67 3.27
C SER A 26 -10.51 -2.46 2.84
N GLU A 27 -11.65 -2.21 3.49
CA GLU A 27 -12.84 -3.00 3.20
C GLU A 27 -13.33 -2.75 1.78
N VAL A 28 -13.39 -1.49 1.36
CA VAL A 28 -13.80 -1.15 0.00
C VAL A 28 -12.90 -1.82 -1.06
N ALA A 29 -11.59 -1.66 -0.92
CA ALA A 29 -10.66 -2.26 -1.88
C ALA A 29 -10.90 -3.78 -2.02
N HIS A 30 -11.16 -4.43 -0.89
CA HIS A 30 -11.35 -5.86 -0.92
C HIS A 30 -12.62 -6.25 -1.68
N GLN A 31 -13.72 -5.52 -1.40
CA GLN A 31 -15.00 -5.78 -2.04
C GLN A 31 -14.99 -5.49 -3.53
N LEU A 32 -14.22 -4.47 -3.93
CA LEU A 32 -14.11 -4.11 -5.33
C LEU A 32 -12.92 -4.75 -6.05
N HIS A 33 -12.07 -5.48 -5.33
CA HIS A 33 -10.84 -5.97 -5.98
C HIS A 33 -10.01 -4.76 -6.44
N ALA A 34 -10.01 -3.70 -5.65
CA ALA A 34 -9.28 -2.49 -6.00
C ALA A 34 -7.88 -2.48 -5.41
N ALA A 35 -7.00 -1.69 -5.97
CA ALA A 35 -5.69 -1.50 -5.36
C ALA A 35 -5.85 -0.59 -4.11
N PHE A 36 -5.03 -0.80 -3.09
CA PHE A 36 -5.13 -0.01 -1.86
C PHE A 36 -3.78 0.32 -1.28
N LEU A 37 -3.55 1.59 -0.99
CA LEU A 37 -2.32 2.01 -0.32
C LEU A 37 -2.64 2.95 0.85
N ASP A 38 -2.19 2.62 2.03
CA ASP A 38 -2.40 3.51 3.16
C ASP A 38 -1.22 4.46 3.11
N GLY A 39 -1.46 5.71 2.73
CA GLY A 39 -0.38 6.69 2.55
C GLY A 39 0.47 6.96 3.79
N ASP A 40 -0.07 6.64 4.96
CA ASP A 40 0.67 6.84 6.20
C ASP A 40 2.00 6.08 6.11
N PHE A 41 2.06 5.09 5.22
CA PHE A 41 3.18 4.20 5.18
C PHE A 41 4.30 4.75 4.36
N LEU A 42 4.03 5.87 3.69
CA LEU A 42 5.00 6.48 2.81
C LEU A 42 5.60 7.70 3.49
N HIS A 43 5.29 7.90 4.76
CA HIS A 43 5.90 9.03 5.49
C HIS A 43 7.38 8.83 5.72
N PRO A 44 8.14 9.91 5.63
CA PRO A 44 9.57 9.88 5.97
C PRO A 44 9.75 9.80 7.48
N ARG A 45 10.67 8.95 7.91
CA ARG A 45 10.97 8.74 9.31
C ARG A 45 10.86 10.04 10.13
N ARG A 46 11.58 11.09 9.72
CA ARG A 46 11.52 12.36 10.43
C ARG A 46 10.07 12.72 10.75
N ASN A 47 9.20 12.40 9.81
CA ASN A 47 7.77 12.69 9.96
C ASN A 47 7.16 11.77 11.00
N ILE A 48 7.58 10.51 10.96
CA ILE A 48 7.12 9.55 11.95
C ILE A 48 7.46 10.17 13.31
N GLU A 49 8.75 10.43 13.51
CA GLU A 49 9.28 10.99 14.75
C GLU A 49 8.55 12.20 15.34
N LYS A 50 8.02 13.10 14.51
CA LYS A 50 7.35 14.28 15.06
C LYS A 50 6.05 13.85 15.74
N MET A 51 5.52 12.71 15.30
CA MET A 51 4.33 12.14 15.90
C MET A 51 4.72 11.44 17.20
N ALA A 52 5.97 10.97 17.26
CA ALA A 52 6.48 10.31 18.45
C ALA A 52 6.29 11.18 19.69
N SER A 53 6.69 12.45 19.58
CA SER A 53 6.59 13.40 20.69
C SER A 53 5.23 14.10 20.77
N GLY A 54 4.36 13.85 19.79
CA GLY A 54 3.03 14.45 19.78
C GLY A 54 3.03 15.89 19.30
N GLU A 55 3.76 16.15 18.22
CA GLU A 55 3.84 17.50 17.65
C GLU A 55 3.08 17.56 16.34
N PRO A 56 2.26 18.59 16.17
CA PRO A 56 1.45 18.76 14.96
C PRO A 56 2.33 19.05 13.75
N LEU A 57 2.03 18.43 12.61
CA LEU A 57 2.90 18.53 11.43
C LEU A 57 2.93 19.84 10.64
N ASN A 58 4.03 20.04 9.92
CA ASN A 58 4.23 21.26 9.15
C ASN A 58 4.17 21.04 7.63
N ASP A 59 3.99 22.11 6.88
CA ASP A 59 3.88 22.02 5.43
C ASP A 59 5.12 21.44 4.78
N ASP A 60 6.28 21.93 5.19
CA ASP A 60 7.54 21.41 4.66
C ASP A 60 7.71 19.98 5.16
N ASP A 61 7.04 19.68 6.26
CA ASP A 61 7.03 18.33 6.79
C ASP A 61 6.40 17.47 5.72
N ARG A 62 5.14 17.81 5.44
CA ARG A 62 4.29 17.03 4.56
C ARG A 62 4.71 16.92 3.08
N LYS A 63 5.57 17.83 2.61
CA LYS A 63 5.92 17.88 1.19
C LYS A 63 6.39 16.62 0.46
N PRO A 64 7.46 15.97 0.94
CA PRO A 64 7.97 14.78 0.25
C PRO A 64 6.96 13.65 0.39
N TRP A 65 6.23 13.66 1.50
CA TRP A 65 5.19 12.68 1.73
C TRP A 65 4.17 12.75 0.60
N LEU A 66 3.65 13.94 0.35
CA LEU A 66 2.67 14.18 -0.71
C LEU A 66 3.20 13.85 -2.10
N GLN A 67 4.44 14.23 -2.39
CA GLN A 67 5.07 13.89 -3.68
C GLN A 67 5.14 12.36 -3.86
N ALA A 68 5.48 11.65 -2.80
CA ALA A 68 5.53 10.19 -2.92
C ALA A 68 4.12 9.61 -3.06
N LEU A 69 3.11 10.21 -2.42
CA LEU A 69 1.73 9.74 -2.60
C LEU A 69 1.30 10.02 -4.05
N ASN A 70 1.68 11.19 -4.56
CA ASN A 70 1.40 11.56 -5.95
C ASN A 70 1.99 10.53 -6.88
N ASP A 71 3.26 10.18 -6.65
CA ASP A 71 3.92 9.15 -7.46
C ASP A 71 3.23 7.81 -7.36
N ALA A 72 2.83 7.42 -6.14
CA ALA A 72 2.21 6.11 -5.94
C ALA A 72 0.85 6.04 -6.66
N ALA A 73 0.13 7.15 -6.67
CA ALA A 73 -1.15 7.21 -7.34
C ALA A 73 -0.96 6.98 -8.85
N PHE A 74 0.04 7.64 -9.41
CA PHE A 74 0.36 7.48 -10.82
C PHE A 74 0.77 6.04 -11.11
N ALA A 75 1.60 5.45 -10.26
CA ALA A 75 1.93 4.02 -10.44
C ALA A 75 0.68 3.12 -10.34
N MET A 76 -0.18 3.36 -9.33
CA MET A 76 -1.37 2.51 -9.19
C MET A 76 -2.32 2.55 -10.39
N GLN A 77 -2.56 3.75 -10.91
CA GLN A 77 -3.50 3.89 -12.02
C GLN A 77 -3.08 3.21 -13.36
N ARG A 78 -1.79 2.89 -13.51
CA ARG A 78 -1.35 2.23 -14.74
C ARG A 78 -1.97 0.86 -14.89
N THR A 79 -2.10 0.09 -13.81
CA THR A 79 -2.67 -1.23 -14.01
C THR A 79 -3.85 -1.57 -13.13
N ASN A 80 -4.48 -0.56 -12.55
CA ASN A 80 -5.68 -0.85 -11.79
C ASN A 80 -6.77 0.07 -12.27
N LYS A 81 -7.97 -0.47 -12.44
CA LYS A 81 -9.09 0.37 -12.79
C LYS A 81 -9.53 1.24 -11.61
N VAL A 82 -9.42 0.71 -10.39
CA VAL A 82 -9.79 1.48 -9.20
C VAL A 82 -8.67 1.36 -8.18
N SER A 83 -8.19 2.49 -7.70
CA SER A 83 -7.16 2.53 -6.67
C SER A 83 -7.60 3.42 -5.50
N LEU A 84 -7.37 2.96 -4.29
CA LEU A 84 -7.74 3.74 -3.12
C LEU A 84 -6.48 4.13 -2.38
N ILE A 85 -6.37 5.40 -2.03
CA ILE A 85 -5.25 5.82 -1.23
C ILE A 85 -5.79 6.51 0.01
N VAL A 86 -5.25 6.13 1.17
CA VAL A 86 -5.63 6.85 2.37
C VAL A 86 -4.67 8.04 2.52
N CYS A 87 -5.21 9.25 2.63
CA CYS A 87 -4.42 10.43 2.93
C CYS A 87 -5.38 11.45 3.52
N SER A 88 -5.11 11.93 4.73
CA SER A 88 -6.00 12.88 5.38
C SER A 88 -6.19 14.15 4.53
N ALA A 89 -5.13 14.54 3.82
CA ALA A 89 -5.24 15.62 2.86
C ALA A 89 -6.06 16.80 3.40
N LEU A 90 -5.72 17.26 4.59
CA LEU A 90 -6.54 18.27 5.25
C LEU A 90 -6.55 19.63 4.57
N LYS A 91 -5.44 20.03 3.97
CA LYS A 91 -5.40 21.35 3.32
C LYS A 91 -5.59 21.32 1.79
N LYS A 92 -6.20 22.36 1.24
CA LYS A 92 -6.44 22.42 -0.18
C LYS A 92 -5.14 22.29 -0.98
N HIS A 93 -4.06 22.87 -0.46
CA HIS A 93 -2.80 22.76 -1.17
C HIS A 93 -2.26 21.31 -1.20
N TYR A 94 -2.56 20.52 -0.16
CA TYR A 94 -2.10 19.12 -0.13
C TYR A 94 -2.85 18.41 -1.23
N ARG A 95 -4.13 18.72 -1.34
CA ARG A 95 -4.97 18.07 -2.34
C ARG A 95 -4.48 18.43 -3.73
N ASP A 96 -4.10 19.69 -3.95
CA ASP A 96 -3.61 20.12 -5.24
C ASP A 96 -2.33 19.38 -5.65
N LEU A 97 -1.45 19.14 -4.68
CA LEU A 97 -0.24 18.37 -4.90
C LEU A 97 -0.54 16.94 -5.38
N LEU A 98 -1.53 16.32 -4.79
CA LEU A 98 -1.90 14.96 -5.17
C LEU A 98 -2.51 14.94 -6.59
N ARG A 99 -3.26 15.99 -6.90
CA ARG A 99 -3.90 16.12 -8.22
C ARG A 99 -2.95 16.30 -9.43
N GLU A 100 -1.77 16.87 -9.20
CA GLU A 100 -0.79 17.17 -10.25
C GLU A 100 -0.44 15.97 -11.12
N GLY A 101 -0.87 16.01 -12.38
CA GLY A 101 -0.55 14.95 -13.30
C GLY A 101 -1.53 13.81 -13.19
N ASN A 102 -2.47 13.94 -12.25
CA ASN A 102 -3.46 12.90 -11.99
C ASN A 102 -4.91 13.43 -12.15
N PRO A 103 -5.37 13.65 -13.39
CA PRO A 103 -6.71 14.17 -13.59
C PRO A 103 -7.69 13.12 -13.17
N ASN A 104 -7.25 11.87 -13.19
CA ASN A 104 -8.09 10.74 -12.84
C ASN A 104 -8.07 10.41 -11.32
N LEU A 105 -7.65 11.39 -10.53
CA LEU A 105 -7.66 11.27 -9.07
C LEU A 105 -8.77 12.16 -8.54
N SER A 106 -9.56 11.64 -7.62
CA SER A 106 -10.53 12.49 -6.96
C SER A 106 -10.46 12.14 -5.48
N PHE A 107 -11.27 12.78 -4.66
CA PHE A 107 -11.26 12.56 -3.21
C PHE A 107 -12.58 12.07 -2.70
N ILE A 108 -12.50 11.20 -1.71
CA ILE A 108 -13.67 10.80 -0.98
C ILE A 108 -13.47 11.29 0.46
N TYR A 109 -14.22 12.33 0.80
CA TYR A 109 -14.13 12.98 2.10
C TYR A 109 -15.03 12.31 3.14
N LEU A 110 -14.40 11.57 4.06
CA LEU A 110 -15.14 10.95 5.16
C LEU A 110 -15.42 12.05 6.17
N LYS A 111 -16.60 12.63 6.07
CA LYS A 111 -16.98 13.83 6.81
C LYS A 111 -17.80 13.53 8.07
N GLY A 112 -17.43 14.18 9.16
CA GLY A 112 -18.13 14.05 10.42
C GLY A 112 -17.72 15.23 11.26
N ASP A 113 -18.56 15.67 12.20
CA ASP A 113 -18.12 16.79 13.00
C ASP A 113 -17.48 16.33 14.27
N PHE A 114 -17.01 17.26 15.08
CA PHE A 114 -16.29 16.95 16.29
C PHE A 114 -17.04 16.02 17.23
N ASP A 115 -18.36 16.18 17.38
CA ASP A 115 -19.08 15.29 18.27
C ASP A 115 -18.73 13.82 17.91
N VAL A 116 -19.16 13.44 16.71
CA VAL A 116 -19.00 12.06 16.24
C VAL A 116 -17.60 11.49 16.26
N ILE A 117 -16.64 12.21 15.66
CA ILE A 117 -15.30 11.69 15.58
C ILE A 117 -14.72 11.57 16.98
N GLU A 118 -15.16 12.42 17.89
CA GLU A 118 -14.72 12.27 19.27
C GLU A 118 -15.24 10.95 19.84
N SER A 119 -16.50 10.65 19.56
CA SER A 119 -17.09 9.41 20.07
C SER A 119 -16.54 8.17 19.34
N ARG A 120 -16.46 8.28 18.02
CA ARG A 120 -15.89 7.23 17.21
C ARG A 120 -14.49 7.01 17.76
N LEU A 121 -13.79 8.08 18.09
CA LEU A 121 -12.45 7.98 18.66
C LEU A 121 -12.42 7.33 20.05
N THR A 131 -8.47 13.31 21.65
CA THR A 131 -8.23 14.31 22.69
C THR A 131 -7.89 15.66 22.06
N GLN A 132 -6.66 16.12 22.26
CA GLN A 132 -6.24 17.41 21.71
C GLN A 132 -5.92 17.39 20.20
N MET A 133 -5.21 16.38 19.72
CA MET A 133 -4.89 16.36 18.28
C MET A 133 -6.18 16.50 17.43
N LEU A 134 -7.26 15.87 17.85
CA LEU A 134 -8.53 16.01 17.12
C LEU A 134 -8.94 17.49 16.90
N VAL A 135 -8.79 18.31 17.95
CA VAL A 135 -9.12 19.73 17.86
C VAL A 135 -8.19 20.40 16.86
N THR A 136 -6.94 20.01 16.86
CA THR A 136 -5.99 20.59 15.94
C THR A 136 -6.25 20.08 14.51
N GLN A 137 -6.65 18.83 14.39
CA GLN A 137 -6.98 18.25 13.10
C GLN A 137 -8.06 19.11 12.41
N PHE A 138 -9.12 19.39 13.16
CA PHE A 138 -10.19 20.22 12.62
C PHE A 138 -9.72 21.61 12.24
N GLU A 139 -8.83 22.22 13.04
CA GLU A 139 -8.34 23.55 12.67
C GLU A 139 -7.59 23.46 11.34
N THR A 140 -6.74 22.48 11.19
CA THR A 140 -5.98 22.30 9.95
C THR A 140 -6.90 21.96 8.78
N LEU A 141 -7.90 21.13 9.04
CA LEU A 141 -8.85 20.78 7.99
C LEU A 141 -9.38 22.00 7.23
N GLN A 142 -9.18 22.02 5.92
CA GLN A 142 -9.84 23.02 5.09
C GLN A 142 -10.89 22.23 4.30
N GLU A 143 -12.14 22.29 4.73
CA GLU A 143 -13.17 21.52 4.04
C GLU A 143 -13.22 21.92 2.54
N PRO A 144 -13.17 20.93 1.66
CA PRO A 144 -13.24 21.20 0.21
C PRO A 144 -14.51 22.01 -0.13
N GLY A 145 -14.32 23.13 -0.82
CA GLY A 145 -15.43 23.99 -1.18
C GLY A 145 -15.84 23.79 -2.62
N ALA A 146 -16.53 24.79 -3.18
CA ALA A 146 -17.05 24.67 -4.53
C ALA A 146 -15.95 24.65 -5.59
N ASP A 147 -14.78 25.21 -5.28
CA ASP A 147 -13.68 25.18 -6.25
C ASP A 147 -13.02 23.80 -6.40
N GLU A 148 -13.55 22.80 -5.69
CA GLU A 148 -12.96 21.46 -5.78
C GLU A 148 -14.06 20.52 -6.24
N THR A 149 -14.07 20.24 -7.54
CA THR A 149 -15.17 19.48 -8.14
C THR A 149 -15.00 17.96 -8.08
N ASP A 150 -13.76 17.51 -7.89
CA ASP A 150 -13.52 16.08 -7.83
C ASP A 150 -13.52 15.62 -6.38
N VAL A 151 -14.41 16.19 -5.57
CA VAL A 151 -14.54 15.79 -4.19
C VAL A 151 -15.93 15.25 -3.97
N LEU A 152 -15.98 14.02 -3.50
CA LEU A 152 -17.20 13.35 -3.16
C LEU A 152 -17.22 13.24 -1.64
N VAL A 153 -18.38 13.44 -1.04
CA VAL A 153 -18.47 13.49 0.41
C VAL A 153 -19.22 12.29 0.94
N VAL A 154 -18.69 11.70 2.00
CA VAL A 154 -19.35 10.55 2.60
C VAL A 154 -19.59 10.88 4.07
N ASP A 155 -20.83 10.71 4.51
CA ASP A 155 -21.19 10.98 5.89
C ASP A 155 -20.78 9.79 6.72
N ILE A 156 -19.92 9.99 7.71
CA ILE A 156 -19.45 8.87 8.50
C ILE A 156 -20.27 8.61 9.75
N ASP A 157 -21.37 9.36 9.90
CA ASP A 157 -22.30 9.14 11.00
C ASP A 157 -23.30 8.01 10.67
N GLN A 158 -22.75 6.81 10.47
CA GLN A 158 -23.50 5.59 10.22
C GLN A 158 -22.49 4.52 10.55
N PRO A 159 -22.91 3.28 10.67
CA PRO A 159 -21.95 2.20 10.95
C PRO A 159 -20.94 1.99 9.80
N LEU A 160 -19.84 1.30 10.07
CA LEU A 160 -18.80 1.05 9.06
C LEU A 160 -19.39 0.45 7.78
N GLU A 161 -20.28 -0.52 7.93
CA GLU A 161 -20.96 -1.14 6.78
C GLU A 161 -21.57 -0.09 5.88
N GLY A 162 -22.37 0.81 6.46
CA GLY A 162 -22.95 1.91 5.70
C GLY A 162 -21.87 2.81 5.07
N VAL A 163 -20.82 3.15 5.81
CA VAL A 163 -19.76 4.03 5.24
C VAL A 163 -19.19 3.38 4.01
N VAL A 164 -18.84 2.11 4.18
CA VAL A 164 -18.30 1.27 3.12
C VAL A 164 -19.25 1.27 1.91
N ALA A 165 -20.54 1.05 2.17
CA ALA A 165 -21.53 1.05 1.08
C ALA A 165 -21.64 2.43 0.41
N SER A 166 -21.74 3.49 1.20
CA SER A 166 -21.81 4.82 0.60
C SER A 166 -20.54 5.10 -0.23
N THR A 167 -19.40 4.58 0.23
CA THR A 167 -18.15 4.82 -0.47
C THR A 167 -18.17 4.06 -1.78
N ILE A 168 -18.56 2.80 -1.74
CA ILE A 168 -18.74 2.04 -2.97
C ILE A 168 -19.69 2.73 -3.98
N GLU A 169 -20.79 3.28 -3.48
CA GLU A 169 -21.77 3.93 -4.36
C GLU A 169 -21.14 5.14 -5.02
N VAL A 170 -20.33 5.86 -4.25
CA VAL A 170 -19.69 7.05 -4.75
C VAL A 170 -18.70 6.69 -5.87
N ILE A 171 -18.00 5.59 -5.70
CA ILE A 171 -17.06 5.11 -6.73
C ILE A 171 -17.80 4.58 -7.96
N LYS A 172 -18.96 3.98 -7.76
CA LYS A 172 -19.65 3.49 -8.94
C LYS A 172 -20.46 4.57 -9.70
N LYS A 173 -21.00 5.56 -9.00
CA LYS A 173 -21.67 6.66 -9.67
C LYS A 173 -20.78 7.21 -10.80
N GLY A 174 -19.47 7.00 -10.65
CA GLY A 174 -18.50 7.47 -11.63
C GLY A 174 -17.07 7.48 -11.10
N THR B 3 11.87 3.12 16.89
CA THR B 3 12.50 1.80 17.16
C THR B 3 11.77 0.71 16.42
N THR B 4 12.46 -0.43 16.26
CA THR B 4 11.89 -1.61 15.67
C THR B 4 11.02 -2.15 16.77
N ASN B 5 9.81 -2.59 16.44
CA ASN B 5 8.98 -3.28 17.42
C ASN B 5 8.98 -4.78 17.15
N HIS B 6 9.76 -5.52 17.94
CA HIS B 6 9.89 -6.97 17.80
C HIS B 6 8.57 -7.72 18.02
N ASP B 7 7.62 -7.12 18.73
CA ASP B 7 6.32 -7.75 18.93
C ASP B 7 5.60 -7.75 17.57
N HIS B 8 5.98 -6.83 16.68
CA HIS B 8 5.39 -6.75 15.35
C HIS B 8 6.28 -7.41 14.30
N HIS B 9 5.73 -7.81 13.15
CA HIS B 9 6.51 -8.50 12.11
C HIS B 9 6.12 -8.11 10.67
N ILE B 10 7.10 -8.12 9.77
CA ILE B 10 6.88 -7.81 8.36
C ILE B 10 7.13 -9.09 7.57
N TYR B 11 6.23 -9.41 6.64
CA TYR B 11 6.44 -10.52 5.74
C TYR B 11 6.50 -9.97 4.32
N VAL B 12 7.65 -10.16 3.65
CA VAL B 12 7.83 -9.72 2.29
C VAL B 12 7.50 -10.92 1.40
N LEU B 13 6.43 -10.82 0.63
CA LEU B 13 6.10 -11.91 -0.27
C LEU B 13 6.95 -11.71 -1.53
N MET B 14 7.80 -12.69 -1.83
CA MET B 14 8.75 -12.57 -2.92
C MET B 14 8.54 -13.68 -3.95
N GLY B 15 9.24 -13.60 -5.07
CA GLY B 15 9.07 -14.61 -6.10
C GLY B 15 8.95 -13.90 -7.42
N VAL B 16 9.06 -14.61 -8.53
CA VAL B 16 9.07 -13.91 -9.80
C VAL B 16 7.70 -13.36 -10.18
N SER B 17 7.72 -12.41 -11.11
CA SER B 17 6.51 -11.85 -11.67
C SER B 17 5.65 -13.00 -12.19
N GLY B 18 4.38 -13.04 -11.80
CA GLY B 18 3.57 -14.17 -12.22
C GLY B 18 3.35 -15.21 -11.15
N SER B 19 3.98 -15.05 -10.01
CA SER B 19 3.79 -16.03 -8.95
C SER B 19 2.58 -15.68 -8.06
N GLY B 20 1.81 -14.69 -8.50
CA GLY B 20 0.59 -14.26 -7.79
C GLY B 20 0.74 -13.52 -6.48
N LYS B 21 1.83 -12.78 -6.32
CA LYS B 21 2.14 -12.14 -5.05
C LYS B 21 1.08 -11.19 -4.53
N SER B 22 0.63 -10.24 -5.35
CA SER B 22 -0.40 -9.28 -4.96
C SER B 22 -1.71 -9.95 -4.57
N ALA B 23 -2.17 -10.88 -5.40
CA ALA B 23 -3.45 -11.56 -5.14
C ALA B 23 -3.40 -12.23 -3.80
N VAL B 24 -2.30 -12.94 -3.55
CA VAL B 24 -2.12 -13.63 -2.29
C VAL B 24 -2.02 -12.67 -1.11
N ALA B 25 -1.14 -11.67 -1.23
CA ALA B 25 -0.97 -10.69 -0.15
C ALA B 25 -2.27 -9.98 0.19
N SER B 26 -3.01 -9.55 -0.83
CA SER B 26 -4.27 -8.85 -0.58
C SER B 26 -5.26 -9.71 0.21
N GLU B 27 -5.45 -10.97 -0.20
CA GLU B 27 -6.36 -11.86 0.51
C GLU B 27 -5.89 -12.19 1.92
N VAL B 28 -4.61 -12.55 2.07
CA VAL B 28 -4.04 -12.81 3.38
C VAL B 28 -4.21 -11.60 4.30
N ALA B 29 -3.83 -10.42 3.81
CA ALA B 29 -3.97 -9.22 4.62
C ALA B 29 -5.40 -9.03 5.11
N HIS B 30 -6.36 -9.20 4.21
CA HIS B 30 -7.75 -9.03 4.57
C HIS B 30 -8.16 -10.04 5.65
N GLN B 31 -7.80 -11.30 5.48
CA GLN B 31 -8.13 -12.29 6.51
C GLN B 31 -7.45 -12.05 7.87
N LEU B 32 -6.21 -11.57 7.88
CA LEU B 32 -5.53 -11.40 9.16
C LEU B 32 -5.66 -9.97 9.70
N HIS B 33 -6.44 -9.15 9.05
CA HIS B 33 -6.52 -7.73 9.39
C HIS B 33 -5.12 -7.13 9.48
N ALA B 34 -4.26 -7.51 8.52
CA ALA B 34 -2.87 -7.05 8.50
C ALA B 34 -2.72 -5.88 7.56
N ALA B 35 -1.65 -5.13 7.72
CA ALA B 35 -1.35 -4.05 6.83
C ALA B 35 -0.85 -4.68 5.54
N PHE B 36 -1.05 -4.00 4.42
CA PHE B 36 -0.56 -4.51 3.15
C PHE B 36 -0.05 -3.43 2.20
N LEU B 37 1.15 -3.63 1.69
CA LEU B 37 1.71 -2.69 0.75
C LEU B 37 2.21 -3.43 -0.52
N ASP B 38 1.68 -3.10 -1.69
CA ASP B 38 2.19 -3.71 -2.90
C ASP B 38 3.43 -2.87 -3.26
N GLY B 39 4.61 -3.44 -3.06
CA GLY B 39 5.83 -2.73 -3.34
C GLY B 39 5.89 -2.17 -4.75
N ASP B 40 5.23 -2.80 -5.71
CA ASP B 40 5.28 -2.28 -7.06
C ASP B 40 4.82 -0.80 -7.15
N PHE B 41 4.02 -0.33 -6.19
CA PHE B 41 3.52 1.04 -6.21
C PHE B 41 4.51 2.07 -5.77
N LEU B 42 5.67 1.65 -5.24
CA LEU B 42 6.67 2.59 -4.73
C LEU B 42 7.81 2.81 -5.71
N HIS B 43 7.77 2.18 -6.88
CA HIS B 43 8.80 2.45 -7.89
C HIS B 43 8.86 3.95 -8.17
N PRO B 44 10.07 4.48 -8.24
CA PRO B 44 10.28 5.91 -8.49
C PRO B 44 9.58 6.40 -9.75
N ARG B 45 9.24 7.68 -9.74
CA ARG B 45 8.63 8.31 -10.90
C ARG B 45 9.38 7.76 -12.11
N ARG B 46 10.67 8.07 -12.17
CA ARG B 46 11.55 7.58 -13.22
C ARG B 46 11.37 6.09 -13.52
N ASN B 47 11.22 5.27 -12.50
CA ASN B 47 11.07 3.84 -12.76
C ASN B 47 9.79 3.55 -13.51
N ILE B 48 8.73 4.30 -13.20
CA ILE B 48 7.48 4.08 -13.89
C ILE B 48 7.59 4.53 -15.34
N GLU B 49 8.46 5.50 -15.58
CA GLU B 49 8.64 6.03 -16.94
C GLU B 49 9.27 5.01 -17.89
N LYS B 50 10.18 4.21 -17.37
CA LYS B 50 10.79 3.14 -18.16
C LYS B 50 9.73 2.07 -18.28
N MET B 51 9.37 1.50 -17.15
CA MET B 51 8.32 0.49 -17.08
C MET B 51 7.40 0.54 -18.29
N PRO B 56 14.30 -6.11 -18.46
CA PRO B 56 15.17 -6.64 -17.40
C PRO B 56 15.85 -5.50 -16.64
N LEU B 57 15.13 -4.89 -15.70
CA LEU B 57 15.67 -3.81 -14.88
C LEU B 57 16.99 -4.23 -14.22
N ASN B 58 17.83 -3.25 -13.89
CA ASN B 58 19.13 -3.51 -13.29
C ASN B 58 19.20 -3.22 -11.78
N ASP B 59 20.35 -3.53 -11.18
CA ASP B 59 20.58 -3.28 -9.75
C ASP B 59 20.40 -1.80 -9.37
N ASP B 60 20.96 -0.90 -10.18
CA ASP B 60 20.91 0.54 -9.90
C ASP B 60 19.48 1.02 -10.06
N ASP B 61 18.74 0.36 -10.94
CA ASP B 61 17.34 0.69 -11.12
C ASP B 61 16.64 0.48 -9.78
N ARG B 62 16.86 -0.70 -9.22
CA ARG B 62 16.13 -1.19 -8.07
C ARG B 62 16.54 -0.56 -6.76
N LYS B 63 17.72 0.04 -6.72
CA LYS B 63 18.24 0.59 -5.47
C LYS B 63 17.27 1.47 -4.68
N PRO B 64 16.89 2.61 -5.26
CA PRO B 64 16.00 3.55 -4.58
C PRO B 64 14.66 2.92 -4.22
N TRP B 65 14.23 1.98 -5.04
CA TRP B 65 12.96 1.30 -4.84
C TRP B 65 13.09 0.48 -3.58
N LEU B 66 14.19 -0.24 -3.46
CA LEU B 66 14.36 -1.09 -2.29
C LEU B 66 14.53 -0.28 -1.00
N GLN B 67 15.14 0.90 -1.11
CA GLN B 67 15.27 1.78 0.05
C GLN B 67 13.90 2.25 0.45
N ALA B 68 13.07 2.54 -0.54
CA ALA B 68 11.73 3.00 -0.22
C ALA B 68 10.97 1.87 0.47
N LEU B 69 11.16 0.65 0.01
CA LEU B 69 10.46 -0.47 0.58
C LEU B 69 10.96 -0.77 2.01
N ASN B 70 12.25 -0.57 2.24
CA ASN B 70 12.86 -0.72 3.56
C ASN B 70 12.25 0.27 4.53
N ASP B 71 12.16 1.54 4.08
CA ASP B 71 11.52 2.59 4.87
C ASP B 71 10.05 2.28 5.11
N ALA B 72 9.33 1.85 4.08
CA ALA B 72 7.91 1.49 4.27
C ALA B 72 7.74 0.38 5.32
N ALA B 73 8.54 -0.68 5.21
CA ALA B 73 8.44 -1.75 6.22
C ALA B 73 8.66 -1.17 7.62
N PHE B 74 9.63 -0.29 7.75
CA PHE B 74 9.88 0.30 9.04
C PHE B 74 8.64 1.05 9.53
N ALA B 75 8.08 1.88 8.67
CA ALA B 75 6.86 2.61 9.01
C ALA B 75 5.72 1.66 9.39
N MET B 76 5.53 0.61 8.59
CA MET B 76 4.43 -0.32 8.82
C MET B 76 4.47 -1.08 10.16
N GLN B 77 5.67 -1.46 10.57
CA GLN B 77 5.82 -2.28 11.78
C GLN B 77 5.62 -1.48 13.08
N ARG B 78 5.58 -0.16 12.98
CA ARG B 78 5.31 0.65 14.18
C ARG B 78 3.90 0.45 14.72
N THR B 79 2.92 0.36 13.82
CA THR B 79 1.52 0.30 14.24
C THR B 79 0.76 -0.94 13.81
N ASN B 80 1.44 -1.88 13.17
CA ASN B 80 0.78 -3.09 12.76
C ASN B 80 1.48 -4.32 13.30
N LYS B 81 0.70 -5.20 13.92
CA LYS B 81 1.21 -6.48 14.39
C LYS B 81 1.76 -7.26 13.18
N VAL B 82 1.00 -7.27 12.11
CA VAL B 82 1.42 -7.98 10.92
C VAL B 82 1.39 -7.07 9.68
N SER B 83 2.51 -7.03 8.94
CA SER B 83 2.61 -6.29 7.70
C SER B 83 3.09 -7.20 6.55
N LEU B 84 2.44 -7.04 5.39
CA LEU B 84 2.81 -7.74 4.18
C LEU B 84 3.23 -6.74 3.11
N ILE B 85 4.39 -6.97 2.52
CA ILE B 85 4.90 -6.15 1.46
C ILE B 85 5.17 -7.08 0.28
N VAL B 86 4.69 -6.71 -0.91
CA VAL B 86 5.01 -7.49 -2.07
C VAL B 86 6.28 -6.89 -2.63
N CYS B 87 7.28 -7.74 -2.84
CA CYS B 87 8.51 -7.34 -3.51
C CYS B 87 9.15 -8.62 -4.05
N SER B 88 9.33 -8.70 -5.36
CA SER B 88 9.93 -9.88 -5.96
C SER B 88 11.26 -10.25 -5.28
N ALA B 89 12.03 -9.24 -4.87
CA ALA B 89 13.28 -9.48 -4.11
C ALA B 89 14.09 -10.68 -4.63
N LEU B 90 14.32 -10.71 -5.93
CA LEU B 90 14.93 -11.89 -6.56
C LEU B 90 16.36 -12.19 -6.14
N LYS B 91 17.13 -11.14 -5.89
CA LYS B 91 18.54 -11.34 -5.54
C LYS B 91 18.75 -11.29 -4.03
N LYS B 92 19.70 -12.09 -3.54
CA LYS B 92 20.00 -12.08 -2.10
C LYS B 92 20.33 -10.70 -1.60
N HIS B 93 21.03 -9.91 -2.41
CA HIS B 93 21.34 -8.56 -1.98
C HIS B 93 20.11 -7.70 -1.81
N TYR B 94 19.06 -7.95 -2.60
CA TYR B 94 17.88 -7.12 -2.53
C TYR B 94 17.26 -7.40 -1.19
N ARG B 95 17.26 -8.67 -0.82
CA ARG B 95 16.71 -9.10 0.44
C ARG B 95 17.49 -8.51 1.61
N ASP B 96 18.82 -8.60 1.58
CA ASP B 96 19.65 -7.99 2.63
C ASP B 96 19.32 -6.50 2.77
N LEU B 97 19.06 -5.84 1.66
CA LEU B 97 18.67 -4.43 1.72
C LEU B 97 17.35 -4.22 2.49
N LEU B 98 16.35 -5.08 2.23
CA LEU B 98 15.08 -4.99 2.93
C LEU B 98 15.27 -5.30 4.42
N ARG B 99 16.22 -6.17 4.74
CA ARG B 99 16.52 -6.58 6.11
C ARG B 99 17.17 -5.50 7.01
N GLU B 100 17.96 -4.61 6.40
CA GLU B 100 18.69 -3.55 7.11
C GLU B 100 17.80 -2.85 8.12
N GLY B 101 18.18 -2.92 9.39
CA GLY B 101 17.40 -2.28 10.43
C GLY B 101 16.01 -2.86 10.60
N ASN B 102 15.76 -4.02 10.00
CA ASN B 102 14.46 -4.67 10.11
C ASN B 102 14.66 -6.14 10.46
N PRO B 103 15.11 -6.42 11.70
CA PRO B 103 15.34 -7.80 12.15
C PRO B 103 14.01 -8.52 12.18
N ASN B 104 12.96 -7.76 12.42
CA ASN B 104 11.62 -8.31 12.49
C ASN B 104 10.96 -8.43 11.12
N LEU B 105 11.73 -8.79 10.11
CA LEU B 105 11.18 -8.95 8.76
C LEU B 105 11.59 -10.32 8.28
N SER B 106 10.66 -10.96 7.58
CA SER B 106 10.94 -12.23 6.97
C SER B 106 10.34 -12.28 5.55
N PHE B 107 10.73 -13.28 4.78
CA PHE B 107 10.28 -13.43 3.40
C PHE B 107 9.40 -14.66 3.26
N ILE B 108 8.36 -14.55 2.46
CA ILE B 108 7.57 -15.70 2.14
C ILE B 108 7.71 -15.83 0.63
N TYR B 109 8.47 -16.84 0.26
CA TYR B 109 8.79 -17.10 -1.12
C TYR B 109 7.68 -17.91 -1.78
N LEU B 110 6.93 -17.26 -2.66
CA LEU B 110 5.89 -17.91 -3.44
C LEU B 110 6.63 -18.62 -4.56
N LYS B 111 6.82 -19.92 -4.42
CA LYS B 111 7.70 -20.70 -5.28
C LYS B 111 6.96 -21.59 -6.27
N GLY B 112 7.34 -21.51 -7.54
CA GLY B 112 6.71 -22.33 -8.56
C GLY B 112 7.63 -22.57 -9.75
N ASP B 113 7.33 -23.62 -10.50
CA ASP B 113 8.12 -23.97 -11.67
C ASP B 113 7.78 -23.05 -12.83
N PHE B 114 8.68 -22.98 -13.80
CA PHE B 114 8.47 -22.14 -14.96
C PHE B 114 7.11 -22.28 -15.65
N ASP B 115 6.66 -23.50 -15.87
CA ASP B 115 5.40 -23.65 -16.62
C ASP B 115 4.21 -23.14 -15.83
N VAL B 116 4.20 -23.35 -14.52
CA VAL B 116 3.09 -22.84 -13.72
C VAL B 116 3.01 -21.32 -13.81
N ILE B 117 4.15 -20.65 -13.66
CA ILE B 117 4.14 -19.20 -13.73
C ILE B 117 3.84 -18.74 -15.15
N GLU B 118 4.45 -19.38 -16.14
CA GLU B 118 4.23 -19.00 -17.53
C GLU B 118 2.75 -19.02 -17.87
N SER B 119 2.05 -20.08 -17.47
CA SER B 119 0.60 -20.15 -17.73
C SER B 119 -0.22 -19.04 -17.02
N ARG B 120 0.20 -18.64 -15.82
CA ARG B 120 -0.51 -17.54 -15.14
C ARG B 120 -0.26 -16.26 -15.90
N LEU B 121 0.98 -16.06 -16.32
CA LEU B 121 1.31 -14.87 -17.09
C LEU B 121 0.52 -14.85 -18.39
N LYS B 122 0.47 -15.98 -19.09
CA LYS B 122 -0.29 -16.06 -20.35
C LYS B 122 -1.79 -15.77 -20.16
N ALA B 123 -2.28 -16.02 -18.95
CA ALA B 123 -3.70 -15.82 -18.64
C ALA B 123 -4.09 -14.37 -18.34
N ARG B 124 -3.16 -13.61 -17.75
CA ARG B 124 -3.42 -12.20 -17.39
C ARG B 124 -4.11 -11.37 -18.47
N LYS B 125 -4.88 -10.38 -18.01
CA LYS B 125 -5.61 -9.43 -18.86
C LYS B 125 -5.20 -9.48 -20.34
N LYS B 130 5.19 -11.58 -23.13
CA LYS B 130 6.25 -11.27 -22.17
C LYS B 130 7.33 -12.35 -22.12
N THR B 131 6.89 -13.60 -22.30
CA THR B 131 7.73 -14.81 -22.24
C THR B 131 9.22 -14.63 -21.96
N GLN B 132 9.89 -13.80 -22.75
CA GLN B 132 11.32 -13.66 -22.48
C GLN B 132 11.60 -13.11 -21.06
N MET B 133 10.85 -12.12 -20.62
CA MET B 133 11.12 -11.59 -19.28
C MET B 133 11.02 -12.68 -18.24
N LEU B 134 10.05 -13.58 -18.38
CA LEU B 134 9.92 -14.63 -17.38
C LEU B 134 11.18 -15.48 -17.35
N VAL B 135 11.70 -15.85 -18.51
CA VAL B 135 12.93 -16.63 -18.53
C VAL B 135 13.99 -15.84 -17.80
N THR B 136 14.05 -14.56 -18.12
CA THR B 136 15.00 -13.65 -17.50
C THR B 136 14.71 -13.60 -15.98
N GLN B 137 13.43 -13.50 -15.61
CA GLN B 137 13.05 -13.60 -14.20
C GLN B 137 13.76 -14.78 -13.51
N PHE B 138 13.64 -15.96 -14.09
CA PHE B 138 14.21 -17.13 -13.46
C PHE B 138 15.74 -17.13 -13.36
N GLU B 139 16.39 -16.59 -14.38
CA GLU B 139 17.85 -16.50 -14.37
C GLU B 139 18.33 -15.56 -13.26
N THR B 140 17.57 -14.49 -13.03
CA THR B 140 17.92 -13.50 -12.03
C THR B 140 17.71 -14.00 -10.60
N LEU B 141 16.65 -14.78 -10.42
CA LEU B 141 16.28 -15.30 -9.12
C LEU B 141 17.35 -16.18 -8.51
N GLN B 142 17.66 -15.89 -7.26
CA GLN B 142 18.60 -16.68 -6.48
C GLN B 142 17.75 -17.25 -5.34
N GLU B 143 17.31 -18.49 -5.46
CA GLU B 143 16.47 -19.03 -4.40
C GLU B 143 17.23 -18.94 -3.06
N PRO B 144 16.57 -18.42 -2.02
CA PRO B 144 17.18 -18.35 -0.70
C PRO B 144 17.82 -19.68 -0.32
N GLY B 145 19.03 -19.64 0.20
CA GLY B 145 19.70 -20.85 0.63
C GLY B 145 19.61 -21.00 2.14
N ALA B 146 20.36 -21.97 2.68
CA ALA B 146 20.32 -22.24 4.11
C ALA B 146 20.90 -21.10 4.94
N ASP B 147 21.63 -20.18 4.31
CA ASP B 147 22.17 -19.04 5.04
C ASP B 147 21.07 -18.02 5.42
N GLU B 148 19.97 -18.04 4.66
CA GLU B 148 18.86 -17.13 4.95
C GLU B 148 17.83 -17.84 5.81
N THR B 149 17.85 -17.59 7.11
CA THR B 149 16.98 -18.35 7.98
C THR B 149 15.66 -17.70 8.19
N ASP B 150 15.43 -16.55 7.60
CA ASP B 150 14.14 -15.90 7.79
C ASP B 150 13.31 -15.98 6.50
N VAL B 151 13.44 -17.09 5.80
CA VAL B 151 12.72 -17.30 4.54
C VAL B 151 11.83 -18.51 4.63
N LEU B 152 10.53 -18.32 4.45
CA LEU B 152 9.58 -19.42 4.43
C LEU B 152 9.07 -19.63 3.01
N VAL B 153 8.82 -20.87 2.63
CA VAL B 153 8.48 -21.18 1.26
C VAL B 153 7.07 -21.72 1.14
N VAL B 154 6.33 -21.21 0.16
CA VAL B 154 4.98 -21.67 -0.11
C VAL B 154 4.92 -22.14 -1.56
N ASP B 155 4.27 -23.27 -1.79
CA ASP B 155 4.14 -23.86 -3.13
C ASP B 155 2.98 -23.19 -3.83
N ILE B 156 3.22 -22.49 -4.94
CA ILE B 156 2.10 -21.83 -5.62
C ILE B 156 1.34 -22.74 -6.60
N ASP B 157 1.84 -23.96 -6.80
CA ASP B 157 1.16 -24.91 -7.68
C ASP B 157 -0.06 -25.47 -6.97
N GLN B 158 -0.96 -24.58 -6.61
CA GLN B 158 -2.20 -24.96 -5.97
C GLN B 158 -3.17 -23.79 -6.09
N PRO B 159 -4.45 -24.11 -6.17
CA PRO B 159 -5.49 -23.09 -6.20
C PRO B 159 -5.18 -21.91 -5.27
N LEU B 160 -5.69 -20.75 -5.63
CA LEU B 160 -5.50 -19.53 -4.86
C LEU B 160 -5.80 -19.69 -3.37
N GLU B 161 -6.93 -20.31 -3.04
CA GLU B 161 -7.29 -20.46 -1.62
C GLU B 161 -6.27 -21.29 -0.89
N GLY B 162 -5.72 -22.32 -1.54
CA GLY B 162 -4.66 -23.07 -0.93
C GLY B 162 -3.40 -22.23 -0.75
N VAL B 163 -3.07 -21.38 -1.70
CA VAL B 163 -1.86 -20.59 -1.51
C VAL B 163 -2.04 -19.68 -0.33
N VAL B 164 -3.21 -19.04 -0.29
CA VAL B 164 -3.58 -18.13 0.77
C VAL B 164 -3.47 -18.86 2.12
N ALA B 165 -4.08 -20.03 2.22
CA ALA B 165 -4.02 -20.77 3.49
C ALA B 165 -2.61 -21.26 3.79
N SER B 166 -1.81 -21.60 2.78
CA SER B 166 -0.43 -21.96 3.14
C SER B 166 0.32 -20.74 3.68
N THR B 167 0.08 -19.56 3.10
CA THR B 167 0.78 -18.35 3.53
C THR B 167 0.37 -18.00 4.96
N ILE B 168 -0.91 -18.13 5.25
CA ILE B 168 -1.38 -17.88 6.60
C ILE B 168 -0.76 -18.84 7.63
N GLU B 169 -0.67 -20.12 7.29
CA GLU B 169 -0.06 -21.09 8.21
C GLU B 169 1.39 -20.67 8.46
N VAL B 170 2.11 -20.37 7.40
CA VAL B 170 3.48 -19.91 7.53
C VAL B 170 3.58 -18.67 8.45
N ILE B 171 2.60 -17.77 8.39
CA ILE B 171 2.63 -16.57 9.22
C ILE B 171 2.30 -16.87 10.68
N LYS B 172 1.39 -17.81 10.90
CA LYS B 172 0.95 -18.12 12.25
C LYS B 172 1.83 -19.14 13.00
N LYS B 173 2.54 -20.00 12.27
CA LYS B 173 3.40 -21.00 12.92
C LYS B 173 4.32 -20.44 14.02
N GLY B 174 4.68 -19.16 13.95
CA GLY B 174 5.57 -18.58 14.92
C GLY B 174 4.37 -17.87 16.04
CL CL C . -8.71 7.91 10.13
CL CL D . 3.53 -11.75 -8.95
#